data_5NKP
#
_entry.id   5NKP
#
_cell.length_a   84.660
_cell.length_b   169.720
_cell.length_c   123.860
_cell.angle_alpha   90.000
_cell.angle_beta   90.000
_cell.angle_gamma   90.000
#
_symmetry.space_group_name_H-M   'C 2 2 21'
#
loop_
_entity.id
_entity.type
_entity.pdbx_description
1 polymer 'Kelch-like protein 3'
2 polymer 'Serine/threonine-protein kinase WNK3'
3 non-polymer 'CITRIC ACID'
4 non-polymer 'CHLORIDE ION'
5 water water
#
loop_
_entity_poly.entity_id
_entity_poly.type
_entity_poly.pdbx_seq_one_letter_code
_entity_poly.pdbx_strand_id
1 'polypeptide(L)'
;SMSLPKVMIVVGGQAPKAIRSVECYDFEEDRWDQIAELPSRRCRAGVVFMAGHVYAVGGFNGSLRVRTVDVYDGVKDQWT
SIASMQERRSTLGAAVLNDLLYAVGGFDGSTGLASVEAYSYKTNEWFFVAPMNTRRSSVGVGVVEGKLYAVGGYDGASRQ
CLSTVEQYNPATNEWIYVADMSTRRSGAGVGVLSGQLYATGGHDGPLVRKSVEVYDPGTNTWKQVADMNMCRRNAGVCAV
NGLLYVVGGDDGSCNLASVEYYNPVTDKWTLLPTNMSTGRSYAGVAVIHKSL
;
A,B
2 'polypeptide(L)' ECEETEVDQHV D,C
#
loop_
_chem_comp.id
_chem_comp.type
_chem_comp.name
_chem_comp.formula
CIT non-polymer 'CITRIC ACID' 'C6 H8 O7'
CL non-polymer 'CHLORIDE ION' 'Cl -1'
#
# COMPACT_ATOMS: atom_id res chain seq x y z
N PRO A 5 -4.02 -5.28 -24.22
CA PRO A 5 -5.29 -5.93 -23.93
C PRO A 5 -5.72 -5.63 -22.51
N LYS A 6 -6.70 -4.73 -22.42
CA LYS A 6 -7.24 -4.28 -21.17
C LYS A 6 -8.66 -4.76 -20.94
N VAL A 7 -9.08 -4.68 -19.69
CA VAL A 7 -10.41 -5.08 -19.32
C VAL A 7 -11.02 -3.97 -18.50
N MET A 8 -12.34 -3.85 -18.53
CA MET A 8 -13.04 -2.85 -17.79
C MET A 8 -13.95 -3.50 -16.79
N ILE A 9 -13.87 -3.07 -15.55
CA ILE A 9 -14.71 -3.63 -14.49
C ILE A 9 -15.66 -2.60 -13.89
N VAL A 10 -16.82 -3.07 -13.45
CA VAL A 10 -17.84 -2.22 -12.83
C VAL A 10 -18.14 -2.69 -11.41
N VAL A 11 -17.85 -1.85 -10.43
CA VAL A 11 -17.92 -2.26 -9.04
C VAL A 11 -19.15 -1.76 -8.29
N GLY A 12 -19.98 -2.68 -7.83
CA GLY A 12 -21.13 -2.34 -7.00
C GLY A 12 -22.21 -1.57 -7.74
N GLY A 13 -22.88 -0.70 -7.01
CA GLY A 13 -23.91 0.13 -7.55
C GLY A 13 -25.27 -0.12 -6.97
N GLN A 14 -26.28 0.41 -7.62
CA GLN A 14 -27.65 0.23 -7.21
C GLN A 14 -28.41 -0.44 -8.33
N ALA A 15 -29.34 -1.30 -7.97
CA ALA A 15 -30.15 -2.00 -8.93
C ALA A 15 -31.28 -2.80 -8.29
N PRO A 16 -32.19 -2.13 -7.61
CA PRO A 16 -32.17 -0.68 -7.42
C PRO A 16 -31.54 -0.30 -6.09
N LYS A 17 -31.23 -1.30 -5.29
CA LYS A 17 -30.59 -1.09 -4.00
C LYS A 17 -29.11 -1.46 -4.06
N ALA A 18 -28.40 -1.26 -2.96
CA ALA A 18 -26.98 -1.60 -2.90
C ALA A 18 -26.74 -3.08 -3.15
N ILE A 19 -25.79 -3.39 -4.02
CA ILE A 19 -25.45 -4.77 -4.35
C ILE A 19 -23.96 -5.04 -4.14
N ARG A 20 -23.56 -6.28 -4.39
CA ARG A 20 -22.17 -6.69 -4.22
C ARG A 20 -21.55 -7.05 -5.55
N SER A 21 -22.39 -7.21 -6.57
CA SER A 21 -21.97 -7.68 -7.87
C SER A 21 -20.87 -6.84 -8.49
N VAL A 22 -19.97 -7.45 -9.24
CA VAL A 22 -18.93 -6.74 -9.96
C VAL A 22 -18.82 -7.38 -11.32
N GLU A 23 -19.19 -6.70 -12.39
CA GLU A 23 -19.07 -7.24 -13.73
C GLU A 23 -17.82 -6.81 -14.47
N CYS A 24 -17.43 -7.58 -15.46
CA CYS A 24 -16.25 -7.31 -16.24
C CYS A 24 -16.54 -7.39 -17.72
N TYR A 25 -15.97 -6.48 -18.49
CA TYR A 25 -16.21 -6.48 -19.91
C TYR A 25 -14.97 -6.75 -20.67
N ASP A 26 -15.02 -7.76 -21.52
CA ASP A 26 -13.89 -8.11 -22.38
C ASP A 26 -14.11 -7.49 -23.72
N PHE A 27 -13.23 -6.57 -24.03
CA PHE A 27 -13.29 -5.85 -25.24
C PHE A 27 -13.03 -6.72 -26.47
N GLU A 28 -11.98 -7.51 -26.41
CA GLU A 28 -11.56 -8.38 -27.51
C GLU A 28 -12.63 -9.36 -27.93
N GLU A 29 -13.41 -9.80 -26.94
CA GLU A 29 -14.45 -10.80 -27.12
C GLU A 29 -15.89 -10.34 -26.98
N ASP A 30 -16.03 -9.11 -26.58
CA ASP A 30 -17.34 -8.48 -26.41
C ASP A 30 -18.29 -9.32 -25.55
N ARG A 31 -18.07 -9.28 -24.24
CA ARG A 31 -18.89 -10.07 -23.32
C ARG A 31 -18.80 -9.56 -21.88
N TRP A 32 -19.89 -9.73 -21.14
CA TRP A 32 -19.91 -9.35 -19.73
C TRP A 32 -19.95 -10.58 -18.83
N ASP A 33 -18.99 -10.67 -17.91
CA ASP A 33 -18.96 -11.78 -16.96
C ASP A 33 -18.85 -11.28 -15.53
N GLN A 34 -19.28 -12.12 -14.59
CA GLN A 34 -19.19 -11.80 -13.18
C GLN A 34 -17.83 -12.22 -12.63
N ILE A 35 -17.24 -11.37 -11.80
CA ILE A 35 -16.00 -11.71 -11.11
C ILE A 35 -16.20 -11.65 -9.61
N ALA A 36 -15.11 -11.65 -8.86
CA ALA A 36 -15.18 -11.65 -7.40
C ALA A 36 -15.99 -10.46 -6.88
N GLU A 37 -17.11 -10.75 -6.24
CA GLU A 37 -17.98 -9.71 -5.73
C GLU A 37 -17.35 -9.02 -4.53
N LEU A 38 -17.93 -7.88 -4.14
CA LEU A 38 -17.47 -7.15 -2.98
C LEU A 38 -17.71 -7.94 -1.70
N PRO A 39 -16.88 -7.70 -0.67
CA PRO A 39 -17.10 -8.32 0.64
C PRO A 39 -18.37 -7.82 1.30
N SER A 40 -18.86 -6.68 0.82
CA SER A 40 -20.07 -6.09 1.37
C SER A 40 -20.77 -5.24 0.31
N ARG A 41 -22.08 -5.09 0.47
CA ARG A 41 -22.87 -4.24 -0.42
C ARG A 41 -22.30 -2.83 -0.41
N ARG A 42 -22.02 -2.29 -1.59
CA ARG A 42 -21.46 -0.95 -1.69
C ARG A 42 -21.92 -0.22 -2.95
N CYS A 43 -22.46 0.98 -2.76
CA CYS A 43 -22.80 1.84 -3.88
C CYS A 43 -22.45 3.28 -3.51
N ARG A 44 -22.55 4.19 -4.49
CA ARG A 44 -22.25 5.60 -4.31
C ARG A 44 -20.82 5.81 -3.84
N ALA A 45 -19.93 4.92 -4.26
CA ALA A 45 -18.55 4.96 -3.80
C ALA A 45 -17.63 5.56 -4.84
N GLY A 46 -16.37 5.78 -4.46
CA GLY A 46 -15.36 6.26 -5.38
C GLY A 46 -14.46 5.13 -5.81
N VAL A 47 -14.45 4.85 -7.11
CA VAL A 47 -13.63 3.76 -7.64
C VAL A 47 -12.52 4.28 -8.54
N VAL A 48 -11.28 3.97 -8.17
CA VAL A 48 -10.11 4.42 -8.92
C VAL A 48 -9.17 3.25 -9.20
N PHE A 49 -8.30 3.43 -10.19
CA PHE A 49 -7.25 2.47 -10.47
C PHE A 49 -5.89 3.02 -10.07
N MET A 50 -5.41 2.61 -8.89
CA MET A 50 -4.08 3.00 -8.46
C MET A 50 -3.16 1.80 -8.58
N ALA A 51 -2.16 1.94 -9.46
CA ALA A 51 -1.28 0.84 -9.87
C ALA A 51 -0.86 -0.09 -8.75
N GLY A 52 -1.20 -1.37 -8.88
CA GLY A 52 -1.95 -1.84 -10.03
C GLY A 52 -3.27 -2.45 -9.62
N HIS A 53 -3.85 -1.90 -8.56
CA HIS A 53 -5.09 -2.43 -8.00
C HIS A 53 -6.26 -1.47 -8.19
N VAL A 54 -7.45 -1.98 -7.92
CA VAL A 54 -8.66 -1.16 -8.00
C VAL A 54 -9.17 -0.88 -6.59
N TYR A 55 -9.57 0.36 -6.33
CA TYR A 55 -9.97 0.77 -5.00
C TYR A 55 -11.43 1.19 -4.93
N ALA A 56 -12.12 0.71 -3.91
CA ALA A 56 -13.49 1.13 -3.65
C ALA A 56 -13.55 1.94 -2.37
N VAL A 57 -13.74 3.25 -2.51
CA VAL A 57 -13.63 4.15 -1.37
C VAL A 57 -14.99 4.67 -0.89
N GLY A 58 -15.29 4.41 0.38
CA GLY A 58 -16.50 4.90 1.00
C GLY A 58 -17.76 4.34 0.39
N GLY A 59 -18.84 5.11 0.46
CA GLY A 59 -20.08 4.75 -0.19
C GLY A 59 -21.24 4.44 0.75
N PHE A 60 -22.18 3.67 0.23
CA PHE A 60 -23.42 3.35 0.94
C PHE A 60 -23.68 1.86 0.85
N ASN A 61 -24.08 1.23 1.96
CA ASN A 61 -24.30 -0.22 1.95
C ASN A 61 -25.78 -0.58 1.96
N GLY A 62 -26.63 0.36 1.58
CA GLY A 62 -28.06 0.14 1.56
C GLY A 62 -28.72 0.56 2.85
N SER A 63 -27.90 0.82 3.87
CA SER A 63 -28.41 1.19 5.18
C SER A 63 -27.57 2.28 5.85
N LEU A 64 -26.25 2.18 5.71
CA LEU A 64 -25.34 3.14 6.33
C LEU A 64 -24.32 3.72 5.35
N ARG A 65 -23.89 4.95 5.62
CA ARG A 65 -22.76 5.54 4.92
C ARG A 65 -21.49 4.98 5.53
N VAL A 66 -20.52 4.61 4.71
CA VAL A 66 -19.35 3.90 5.21
C VAL A 66 -18.06 4.69 5.01
N ARG A 67 -17.04 4.30 5.77
CA ARG A 67 -15.72 4.91 5.66
C ARG A 67 -14.70 3.87 5.23
N THR A 68 -15.16 2.63 5.09
CA THR A 68 -14.29 1.52 4.73
C THR A 68 -13.78 1.61 3.30
N VAL A 69 -12.65 0.97 3.03
CA VAL A 69 -12.10 0.91 1.69
C VAL A 69 -11.69 -0.51 1.33
N ASP A 70 -12.12 -0.98 0.17
CA ASP A 70 -11.78 -2.33 -0.29
C ASP A 70 -10.90 -2.29 -1.53
N VAL A 71 -9.97 -3.23 -1.61
CA VAL A 71 -9.00 -3.28 -2.71
C VAL A 71 -9.06 -4.59 -3.46
N TYR A 72 -9.02 -4.53 -4.79
CA TYR A 72 -9.16 -5.72 -5.61
C TYR A 72 -7.87 -6.12 -6.31
N ASP A 73 -7.56 -7.42 -6.25
CA ASP A 73 -6.38 -7.96 -6.92
C ASP A 73 -6.80 -8.71 -8.18
N GLY A 74 -6.58 -8.09 -9.33
CA GLY A 74 -7.03 -8.63 -10.60
C GLY A 74 -6.34 -9.90 -11.05
N VAL A 75 -5.45 -10.43 -10.22
CA VAL A 75 -4.71 -11.64 -10.56
C VAL A 75 -5.20 -12.81 -9.71
N LYS A 76 -5.49 -12.54 -8.44
CA LYS A 76 -5.98 -13.57 -7.54
C LYS A 76 -7.50 -13.51 -7.44
N ASP A 77 -8.06 -12.43 -7.98
CA ASP A 77 -9.51 -12.21 -8.01
C ASP A 77 -10.11 -12.27 -6.62
N GLN A 78 -9.68 -11.37 -5.74
CA GLN A 78 -10.23 -11.29 -4.40
C GLN A 78 -10.13 -9.88 -3.84
N TRP A 79 -11.02 -9.56 -2.90
CA TRP A 79 -11.04 -8.24 -2.29
C TRP A 79 -10.48 -8.26 -0.87
N THR A 80 -9.57 -7.34 -0.59
CA THR A 80 -9.05 -7.15 0.75
C THR A 80 -9.38 -5.73 1.18
N SER A 81 -9.35 -5.48 2.49
CA SER A 81 -9.77 -4.19 3.02
C SER A 81 -8.62 -3.45 3.71
N ILE A 82 -8.27 -2.27 3.20
CA ILE A 82 -7.24 -1.45 3.80
C ILE A 82 -7.80 -0.53 4.89
N ALA A 83 -7.07 0.53 5.21
CA ALA A 83 -7.45 1.44 6.27
C ALA A 83 -8.68 2.25 5.89
N SER A 84 -9.59 2.41 6.84
CA SER A 84 -10.81 3.17 6.61
C SER A 84 -10.54 4.67 6.73
N MET A 85 -11.33 5.48 6.02
CA MET A 85 -11.19 6.92 6.07
C MET A 85 -11.49 7.46 7.46
N GLN A 86 -11.21 8.74 7.67
CA GLN A 86 -11.51 9.37 8.93
C GLN A 86 -13.00 9.65 9.02
N GLU A 87 -13.60 9.99 7.88
CA GLU A 87 -15.02 10.30 7.84
C GLU A 87 -15.78 9.33 6.93
N ARG A 88 -17.07 9.20 7.19
CA ARG A 88 -17.95 8.44 6.31
C ARG A 88 -18.29 9.29 5.09
N ARG A 89 -18.15 8.71 3.90
CA ARG A 89 -18.39 9.45 2.66
C ARG A 89 -19.22 8.65 1.67
N SER A 90 -20.31 9.26 1.20
CA SER A 90 -21.13 8.66 0.16
C SER A 90 -21.40 9.67 -0.93
N THR A 91 -21.54 9.19 -2.17
CA THR A 91 -21.66 10.05 -3.34
C THR A 91 -20.47 11.01 -3.43
N LEU A 92 -19.28 10.46 -3.21
CA LEU A 92 -18.05 11.25 -3.23
C LEU A 92 -17.29 11.07 -4.53
N GLY A 93 -16.32 11.94 -4.75
CA GLY A 93 -15.42 11.78 -5.88
C GLY A 93 -14.07 11.28 -5.40
N ALA A 94 -13.44 10.44 -6.21
CA ALA A 94 -12.13 9.91 -5.86
C ALA A 94 -11.21 9.89 -7.07
N ALA A 95 -9.94 10.23 -6.86
CA ALA A 95 -8.96 10.24 -7.94
C ALA A 95 -7.54 10.10 -7.42
N VAL A 96 -6.60 9.81 -8.32
CA VAL A 96 -5.20 9.66 -7.95
C VAL A 96 -4.36 10.82 -8.46
N LEU A 97 -3.55 11.41 -7.59
CA LEU A 97 -2.71 12.54 -7.94
C LEU A 97 -1.41 12.53 -7.16
N ASN A 98 -0.29 12.42 -7.88
CA ASN A 98 1.04 12.38 -7.28
C ASN A 98 1.18 11.27 -6.25
N ASP A 99 0.83 10.06 -6.66
CA ASP A 99 0.92 8.88 -5.79
C ASP A 99 0.05 9.00 -4.55
N LEU A 100 -0.95 9.88 -4.58
CA LEU A 100 -1.90 10.01 -3.50
C LEU A 100 -3.32 9.77 -4.00
N LEU A 101 -4.13 9.12 -3.17
CA LEU A 101 -5.53 8.88 -3.49
C LEU A 101 -6.41 9.82 -2.69
N TYR A 102 -7.03 10.76 -3.39
CA TYR A 102 -7.86 11.77 -2.75
C TYR A 102 -9.34 11.35 -2.66
N ALA A 103 -9.92 11.49 -1.48
CA ALA A 103 -11.35 11.30 -1.31
C ALA A 103 -12.01 12.67 -1.18
N VAL A 104 -12.81 13.04 -2.17
CA VAL A 104 -13.34 14.40 -2.25
C VAL A 104 -14.84 14.48 -1.98
N GLY A 105 -15.22 15.28 -0.99
CA GLY A 105 -16.62 15.56 -0.70
C GLY A 105 -17.40 14.36 -0.24
N GLY A 106 -18.71 14.39 -0.45
CA GLY A 106 -19.57 13.27 -0.12
C GLY A 106 -20.67 13.62 0.86
N PHE A 107 -21.34 12.60 1.38
CA PHE A 107 -22.43 12.78 2.32
C PHE A 107 -22.13 12.02 3.60
N ASP A 108 -22.61 12.54 4.73
CA ASP A 108 -22.20 12.08 6.06
C ASP A 108 -22.85 10.78 6.60
N GLY A 109 -24.17 10.57 6.51
CA GLY A 109 -25.11 11.42 5.82
C GLY A 109 -26.05 12.23 6.69
N SER A 110 -25.47 13.05 7.56
CA SER A 110 -26.21 14.06 8.29
C SER A 110 -26.01 15.40 7.59
N THR A 111 -24.85 15.55 6.96
CA THR A 111 -24.50 16.80 6.29
C THR A 111 -23.61 16.57 5.06
N GLY A 112 -23.73 17.46 4.08
CA GLY A 112 -22.85 17.44 2.94
C GLY A 112 -21.45 17.80 3.40
N LEU A 113 -20.44 17.35 2.67
CA LEU A 113 -19.07 17.53 3.11
C LEU A 113 -18.27 18.42 2.18
N ALA A 114 -17.41 19.25 2.76
CA ALA A 114 -16.47 20.06 2.01
C ALA A 114 -15.06 19.58 2.29
N SER A 115 -14.94 18.67 3.25
CA SER A 115 -13.64 18.14 3.64
C SER A 115 -13.07 17.23 2.58
N VAL A 116 -11.75 17.18 2.49
CA VAL A 116 -11.06 16.27 1.60
C VAL A 116 -9.94 15.59 2.36
N GLU A 117 -9.77 14.29 2.15
CA GLU A 117 -8.66 13.58 2.75
C GLU A 117 -7.94 12.74 1.70
N ALA A 118 -6.68 12.45 1.96
CA ALA A 118 -5.86 11.69 1.01
C ALA A 118 -5.32 10.42 1.67
N TYR A 119 -5.12 9.40 0.86
CA TYR A 119 -4.58 8.14 1.34
C TYR A 119 -3.20 7.88 0.77
N SER A 120 -2.30 7.38 1.61
CA SER A 120 -0.96 7.03 1.16
C SER A 120 -0.74 5.53 1.25
N TYR A 121 -0.34 4.93 0.13
CA TYR A 121 -0.04 3.52 0.10
C TYR A 121 1.18 3.21 0.94
N LYS A 122 1.97 4.23 1.21
CA LYS A 122 3.22 4.09 1.95
C LYS A 122 2.97 3.88 3.43
N THR A 123 2.04 4.64 3.99
CA THR A 123 1.77 4.58 5.42
C THR A 123 0.47 3.87 5.73
N ASN A 124 -0.32 3.58 4.69
CA ASN A 124 -1.66 3.02 4.84
C ASN A 124 -2.48 3.85 5.81
N GLU A 125 -2.67 5.12 5.49
CA GLU A 125 -3.31 6.05 6.39
C GLU A 125 -4.01 7.17 5.64
N TRP A 126 -5.13 7.62 6.17
CA TRP A 126 -5.84 8.77 5.63
C TRP A 126 -5.56 10.02 6.45
N PHE A 127 -5.30 11.13 5.78
CA PHE A 127 -5.07 12.40 6.45
C PHE A 127 -5.81 13.52 5.73
N PHE A 128 -6.34 14.46 6.50
CA PHE A 128 -7.07 15.58 5.94
C PHE A 128 -6.14 16.55 5.20
N VAL A 129 -6.66 17.18 4.16
CA VAL A 129 -5.98 18.28 3.50
C VAL A 129 -6.89 19.51 3.54
N ALA A 130 -6.65 20.46 2.66
CA ALA A 130 -7.46 21.66 2.63
C ALA A 130 -8.87 21.38 2.14
N PRO A 131 -9.88 21.83 2.89
CA PRO A 131 -11.29 21.63 2.54
C PRO A 131 -11.72 22.52 1.38
N MET A 132 -12.78 22.12 0.69
CA MET A 132 -13.32 22.91 -0.41
C MET A 132 -14.04 24.14 0.09
N ASN A 133 -14.23 25.12 -0.79
CA ASN A 133 -14.94 26.34 -0.45
C ASN A 133 -16.44 26.09 -0.30
N THR A 134 -16.98 25.21 -1.14
CA THR A 134 -18.38 24.82 -1.07
C THR A 134 -18.48 23.32 -0.85
N ARG A 135 -19.31 22.91 0.10
CA ARG A 135 -19.54 21.49 0.33
C ARG A 135 -20.20 20.88 -0.89
N ARG A 136 -19.77 19.67 -1.25
CA ARG A 136 -20.26 19.03 -2.46
C ARG A 136 -20.58 17.56 -2.26
N SER A 137 -21.86 17.21 -2.37
CA SER A 137 -22.26 15.82 -2.46
C SER A 137 -22.65 15.52 -3.90
N SER A 138 -22.67 14.25 -4.25
CA SER A 138 -22.90 13.83 -5.64
C SER A 138 -21.93 14.55 -6.58
N VAL A 139 -20.66 14.58 -6.18
CA VAL A 139 -19.66 15.32 -6.91
C VAL A 139 -18.76 14.39 -7.73
N GLY A 140 -18.30 14.89 -8.87
CA GLY A 140 -17.37 14.15 -9.70
C GLY A 140 -16.03 14.87 -9.74
N VAL A 141 -14.95 14.11 -9.84
CA VAL A 141 -13.61 14.71 -9.82
C VAL A 141 -12.72 14.23 -10.97
N GLY A 142 -11.76 15.07 -11.33
CA GLY A 142 -10.82 14.74 -12.39
C GLY A 142 -9.46 15.37 -12.17
N VAL A 143 -8.42 14.71 -12.66
CA VAL A 143 -7.05 15.20 -12.50
C VAL A 143 -6.43 15.58 -13.83
N VAL A 144 -6.09 16.85 -13.98
CA VAL A 144 -5.46 17.34 -15.20
C VAL A 144 -4.21 18.16 -14.90
N GLU A 145 -3.06 17.67 -15.36
CA GLU A 145 -1.79 18.36 -15.21
C GLU A 145 -1.47 18.71 -13.76
N GLY A 146 -1.36 17.69 -12.92
CA GLY A 146 -0.99 17.88 -11.53
C GLY A 146 -2.01 18.67 -10.72
N LYS A 147 -3.21 18.81 -11.25
CA LYS A 147 -4.28 19.55 -10.58
C LYS A 147 -5.49 18.67 -10.35
N LEU A 148 -6.20 18.92 -9.25
CA LEU A 148 -7.38 18.14 -8.90
C LEU A 148 -8.64 19.00 -9.00
N TYR A 149 -9.58 18.58 -9.85
CA TYR A 149 -10.79 19.36 -10.07
C TYR A 149 -12.03 18.73 -9.46
N ALA A 150 -12.77 19.50 -8.68
CA ALA A 150 -14.04 19.07 -8.13
C ALA A 150 -15.18 19.69 -8.94
N VAL A 151 -15.91 18.86 -9.69
CA VAL A 151 -16.89 19.36 -10.64
C VAL A 151 -18.33 19.26 -10.14
N GLY A 152 -18.98 20.41 -10.04
CA GLY A 152 -20.39 20.48 -9.70
C GLY A 152 -20.74 19.80 -8.39
N GLY A 153 -21.92 19.18 -8.36
CA GLY A 153 -22.37 18.47 -7.17
C GLY A 153 -23.58 19.13 -6.54
N TYR A 154 -23.79 18.86 -5.25
CA TYR A 154 -24.91 19.45 -4.54
C TYR A 154 -24.47 20.09 -3.24
N ASP A 155 -24.95 21.31 -2.99
CA ASP A 155 -24.64 22.03 -1.77
C ASP A 155 -25.85 22.09 -0.86
N GLY A 156 -25.79 21.36 0.24
CA GLY A 156 -26.88 21.29 1.19
C GLY A 156 -27.14 22.60 1.91
N ALA A 157 -26.12 23.45 1.99
CA ALA A 157 -26.25 24.73 2.67
C ALA A 157 -27.19 25.66 1.91
N SER A 158 -26.88 25.90 0.64
CA SER A 158 -27.71 26.75 -0.20
C SER A 158 -28.85 25.97 -0.83
N ARG A 159 -28.84 24.66 -0.62
CA ARG A 159 -29.88 23.77 -1.13
C ARG A 159 -30.04 23.85 -2.64
N GLN A 160 -28.95 23.69 -3.38
CA GLN A 160 -29.03 23.73 -4.83
C GLN A 160 -27.89 22.98 -5.51
N CYS A 161 -28.16 22.51 -6.72
CA CYS A 161 -27.13 21.83 -7.52
C CYS A 161 -26.15 22.87 -8.05
N LEU A 162 -24.88 22.48 -8.13
CA LEU A 162 -23.81 23.44 -8.37
C LEU A 162 -23.33 23.49 -9.82
N SER A 163 -22.95 24.68 -10.27
CA SER A 163 -22.33 24.86 -11.57
C SER A 163 -20.88 25.28 -11.39
N THR A 164 -20.53 25.60 -10.15
CA THR A 164 -19.18 26.02 -9.82
C THR A 164 -18.21 24.84 -9.84
N VAL A 165 -16.96 25.12 -10.17
CA VAL A 165 -15.91 24.12 -10.18
C VAL A 165 -14.70 24.63 -9.42
N GLU A 166 -14.10 23.78 -8.59
CA GLU A 166 -12.93 24.18 -7.82
C GLU A 166 -11.70 23.40 -8.22
N GLN A 167 -10.54 24.03 -8.04
CA GLN A 167 -9.27 23.41 -8.40
C GLN A 167 -8.37 23.30 -7.18
N TYR A 168 -7.71 22.16 -7.03
CA TYR A 168 -6.82 21.93 -5.90
C TYR A 168 -5.38 21.80 -6.35
N ASN A 169 -4.50 22.60 -5.75
CA ASN A 169 -3.07 22.50 -5.99
C ASN A 169 -2.39 21.85 -4.80
N PRO A 170 -1.85 20.64 -4.99
CA PRO A 170 -1.19 19.90 -3.91
C PRO A 170 0.06 20.62 -3.39
N ALA A 171 0.63 21.49 -4.21
CA ALA A 171 1.82 22.22 -3.83
C ALA A 171 1.51 23.30 -2.80
N THR A 172 0.35 23.95 -2.94
CA THR A 172 -0.01 25.06 -2.07
C THR A 172 -1.06 24.68 -1.03
N ASN A 173 -1.70 23.53 -1.25
CA ASN A 173 -2.75 23.02 -0.35
C ASN A 173 -3.88 24.03 -0.15
N GLU A 174 -4.51 24.43 -1.24
CA GLU A 174 -5.68 25.31 -1.17
C GLU A 174 -6.54 25.20 -2.41
N TRP A 175 -7.85 25.39 -2.23
CA TRP A 175 -8.79 25.29 -3.32
C TRP A 175 -9.14 26.67 -3.87
N ILE A 176 -9.25 26.77 -5.20
CA ILE A 176 -9.71 27.99 -5.83
C ILE A 176 -10.78 27.68 -6.87
N TYR A 177 -11.75 28.58 -7.01
CA TYR A 177 -12.78 28.45 -8.03
C TYR A 177 -12.19 28.67 -9.41
N VAL A 178 -12.72 27.97 -10.41
CA VAL A 178 -12.35 28.22 -11.79
C VAL A 178 -13.60 28.61 -12.59
N ALA A 179 -13.56 28.40 -13.90
CA ALA A 179 -14.70 28.74 -14.75
C ALA A 179 -15.90 27.86 -14.45
N ASP A 180 -17.03 28.49 -14.15
CA ASP A 180 -18.27 27.75 -13.93
C ASP A 180 -18.73 27.06 -15.22
N MET A 181 -19.45 25.97 -15.06
CA MET A 181 -19.97 25.23 -16.21
C MET A 181 -21.14 25.98 -16.83
N SER A 182 -21.56 25.53 -18.02
CA SER A 182 -22.65 26.16 -18.74
C SER A 182 -23.99 25.98 -18.03
N THR A 183 -24.04 25.04 -17.10
CA THR A 183 -25.29 24.72 -16.41
C THR A 183 -25.00 24.01 -15.09
N ARG A 184 -26.03 23.88 -14.26
CA ARG A 184 -25.88 23.20 -12.98
C ARG A 184 -25.91 21.68 -13.17
N ARG A 185 -24.84 21.03 -12.75
CA ARG A 185 -24.73 19.59 -12.90
C ARG A 185 -24.41 18.91 -11.58
N SER A 186 -25.39 18.18 -11.05
CA SER A 186 -25.16 17.34 -9.89
C SER A 186 -25.05 15.89 -10.35
N GLY A 187 -24.18 15.14 -9.70
CA GLY A 187 -23.99 13.74 -10.05
C GLY A 187 -23.55 13.54 -11.48
N ALA A 188 -22.71 14.45 -11.97
CA ALA A 188 -22.23 14.37 -13.34
C ALA A 188 -21.12 13.34 -13.47
N GLY A 189 -21.00 12.77 -14.66
CA GLY A 189 -19.94 11.83 -14.95
C GLY A 189 -18.69 12.57 -15.37
N VAL A 190 -17.66 12.50 -14.53
CA VAL A 190 -16.44 13.28 -14.77
C VAL A 190 -15.25 12.39 -15.11
N GLY A 191 -14.57 12.72 -16.20
CA GLY A 191 -13.40 11.98 -16.63
C GLY A 191 -12.42 12.87 -17.36
N VAL A 192 -11.23 12.33 -17.62
CA VAL A 192 -10.19 13.09 -18.30
C VAL A 192 -9.70 12.35 -19.55
N LEU A 193 -9.62 13.07 -20.66
CA LEU A 193 -9.16 12.47 -21.91
C LEU A 193 -8.33 13.47 -22.71
N SER A 194 -7.07 13.10 -22.96
CA SER A 194 -6.12 13.94 -23.69
C SER A 194 -5.94 15.30 -23.05
N GLY A 195 -5.77 15.32 -21.73
CA GLY A 195 -5.54 16.55 -21.01
C GLY A 195 -6.75 17.45 -20.91
N GLN A 196 -7.91 16.93 -21.29
CA GLN A 196 -9.15 17.69 -21.23
C GLN A 196 -10.10 17.11 -20.19
N LEU A 197 -10.68 17.99 -19.38
CA LEU A 197 -11.60 17.58 -18.31
C LEU A 197 -13.05 17.53 -18.81
N TYR A 198 -13.66 16.35 -18.74
CA TYR A 198 -15.01 16.18 -19.24
C TYR A 198 -16.04 16.12 -18.12
N ALA A 199 -17.18 16.78 -18.33
CA ALA A 199 -18.30 16.72 -17.40
C ALA A 199 -19.53 16.21 -18.14
N THR A 200 -19.82 14.92 -17.98
CA THR A 200 -20.88 14.27 -18.73
C THR A 200 -22.16 14.10 -17.93
N GLY A 201 -23.29 14.37 -18.57
CA GLY A 201 -24.58 14.15 -17.96
C GLY A 201 -24.84 15.02 -16.76
N GLY A 202 -25.22 14.39 -15.66
CA GLY A 202 -25.54 15.11 -14.44
C GLY A 202 -27.01 15.50 -14.39
N HIS A 203 -27.40 16.17 -13.32
CA HIS A 203 -28.78 16.56 -13.15
C HIS A 203 -28.93 17.81 -12.28
N ASP A 204 -30.08 18.46 -12.39
CA ASP A 204 -30.46 19.52 -11.47
C ASP A 204 -31.88 19.25 -11.02
N GLY A 205 -32.00 18.61 -9.87
CA GLY A 205 -33.30 18.14 -9.40
C GLY A 205 -33.75 16.98 -10.26
N PRO A 206 -34.99 17.03 -10.75
CA PRO A 206 -35.57 15.97 -11.56
C PRO A 206 -35.12 15.97 -13.02
N LEU A 207 -34.37 16.98 -13.43
CA LEU A 207 -33.94 17.08 -14.82
C LEU A 207 -32.58 16.43 -15.06
N VAL A 208 -32.56 15.37 -15.86
CA VAL A 208 -31.32 14.67 -16.17
C VAL A 208 -30.84 15.02 -17.58
N ARG A 209 -29.58 15.42 -17.70
CA ARG A 209 -29.05 15.92 -18.96
C ARG A 209 -28.28 14.86 -19.73
N LYS A 210 -28.24 15.00 -21.05
CA LYS A 210 -27.40 14.14 -21.87
C LYS A 210 -26.33 14.96 -22.56
N SER A 211 -26.35 16.27 -22.33
CA SER A 211 -25.36 17.18 -22.88
C SER A 211 -24.02 17.01 -22.18
N VAL A 212 -22.94 17.27 -22.92
CA VAL A 212 -21.59 17.17 -22.37
C VAL A 212 -20.75 18.39 -22.72
N GLU A 213 -20.05 18.93 -21.73
CA GLU A 213 -19.12 20.03 -21.96
C GLU A 213 -17.73 19.68 -21.42
N VAL A 214 -16.70 20.27 -22.01
CA VAL A 214 -15.32 19.92 -21.68
C VAL A 214 -14.51 21.16 -21.31
N TYR A 215 -13.68 21.02 -20.28
CA TYR A 215 -12.89 22.13 -19.74
C TYR A 215 -11.45 22.10 -20.22
N ASP A 216 -10.95 23.25 -20.64
CA ASP A 216 -9.55 23.39 -21.01
C ASP A 216 -8.80 24.18 -19.95
N PRO A 217 -7.92 23.50 -19.21
CA PRO A 217 -7.18 24.10 -18.09
C PRO A 217 -6.30 25.27 -18.51
N GLY A 218 -5.77 25.23 -19.72
CA GLY A 218 -4.93 26.30 -20.22
C GLY A 218 -5.67 27.60 -20.40
N THR A 219 -6.88 27.53 -20.96
CA THR A 219 -7.65 28.72 -21.30
C THR A 219 -8.71 29.07 -20.25
N ASN A 220 -8.95 28.15 -19.32
CA ASN A 220 -9.97 28.31 -18.28
C ASN A 220 -11.35 28.53 -18.89
N THR A 221 -11.68 27.74 -19.92
CA THR A 221 -12.97 27.87 -20.60
C THR A 221 -13.62 26.52 -20.83
N TRP A 222 -14.94 26.49 -20.70
CA TRP A 222 -15.72 25.31 -21.03
C TRP A 222 -16.28 25.43 -22.44
N LYS A 223 -16.21 24.35 -23.21
CA LYS A 223 -16.84 24.31 -24.52
C LYS A 223 -17.71 23.06 -24.62
N GLN A 224 -18.74 23.13 -25.46
CA GLN A 224 -19.69 22.03 -25.57
C GLN A 224 -19.30 21.04 -26.66
N VAL A 225 -19.55 19.76 -26.41
CA VAL A 225 -19.35 18.73 -27.42
C VAL A 225 -20.67 18.04 -27.72
N ALA A 226 -20.60 16.87 -28.34
CA ALA A 226 -21.81 16.14 -28.73
C ALA A 226 -22.53 15.55 -27.51
N ASP A 227 -23.86 15.61 -27.54
CA ASP A 227 -24.68 15.02 -26.50
C ASP A 227 -24.52 13.50 -26.49
N MET A 228 -24.64 12.90 -25.31
CA MET A 228 -24.67 11.45 -25.21
C MET A 228 -25.93 10.92 -25.87
N ASN A 229 -25.96 9.62 -26.11
CA ASN A 229 -27.14 9.02 -26.71
C ASN A 229 -28.32 9.02 -25.75
N MET A 230 -28.02 9.11 -24.45
CA MET A 230 -29.06 9.06 -23.44
C MET A 230 -28.75 9.93 -22.22
N CYS A 231 -29.81 10.41 -21.58
CA CYS A 231 -29.68 11.19 -20.36
C CYS A 231 -29.17 10.32 -19.23
N ARG A 232 -28.04 10.69 -18.65
CA ARG A 232 -27.46 9.90 -17.58
C ARG A 232 -27.06 10.76 -16.39
N ARG A 233 -27.36 10.28 -15.19
CA ARG A 233 -26.82 10.88 -13.98
C ARG A 233 -26.27 9.76 -13.11
N ASN A 234 -25.32 10.10 -12.25
CA ASN A 234 -24.72 9.13 -11.33
C ASN A 234 -24.10 7.93 -12.04
N ALA A 235 -23.51 8.18 -13.21
CA ALA A 235 -22.90 7.11 -13.99
C ALA A 235 -21.42 6.96 -13.66
N GLY A 236 -20.87 5.80 -14.00
CA GLY A 236 -19.45 5.55 -13.81
C GLY A 236 -18.67 5.97 -15.03
N VAL A 237 -17.52 6.60 -14.82
CA VAL A 237 -16.72 7.11 -15.91
C VAL A 237 -15.25 6.73 -15.79
N CYS A 238 -14.70 6.20 -16.87
CA CYS A 238 -13.26 5.96 -16.97
C CYS A 238 -12.83 6.03 -18.42
N ALA A 239 -11.56 6.33 -18.65
CA ALA A 239 -11.05 6.48 -20.00
C ALA A 239 -9.94 5.48 -20.28
N VAL A 240 -9.91 4.97 -21.51
CA VAL A 240 -8.88 4.03 -21.92
C VAL A 240 -8.73 4.02 -23.44
N ASN A 241 -7.48 4.09 -23.90
CA ASN A 241 -7.16 4.07 -25.32
C ASN A 241 -7.84 5.19 -26.10
N GLY A 242 -7.74 6.42 -25.58
CA GLY A 242 -8.25 7.58 -26.28
C GLY A 242 -9.76 7.68 -26.34
N LEU A 243 -10.45 6.80 -25.61
CA LEU A 243 -11.90 6.80 -25.57
C LEU A 243 -12.42 6.97 -24.14
N LEU A 244 -13.41 7.84 -23.97
CA LEU A 244 -14.01 8.06 -22.66
C LEU A 244 -15.29 7.25 -22.52
N TYR A 245 -15.27 6.27 -21.62
CA TYR A 245 -16.42 5.40 -21.42
C TYR A 245 -17.33 5.88 -20.29
N VAL A 246 -18.63 5.87 -20.56
CA VAL A 246 -19.62 6.20 -19.54
C VAL A 246 -20.48 4.97 -19.28
N VAL A 247 -20.55 4.56 -18.02
CA VAL A 247 -21.20 3.30 -17.66
C VAL A 247 -22.41 3.48 -16.76
N GLY A 248 -23.55 2.95 -17.20
CA GLY A 248 -24.75 2.90 -16.38
C GLY A 248 -25.34 4.25 -16.01
N GLY A 249 -25.68 4.39 -14.74
CA GLY A 249 -26.34 5.59 -14.25
C GLY A 249 -27.84 5.39 -14.25
N ASP A 250 -28.59 6.49 -14.27
CA ASP A 250 -30.03 6.42 -14.32
C ASP A 250 -30.62 7.67 -14.94
N ASP A 251 -31.85 7.56 -15.43
CA ASP A 251 -32.53 8.70 -16.04
C ASP A 251 -33.46 9.37 -15.04
N GLY A 252 -33.14 9.25 -13.76
CA GLY A 252 -33.95 9.83 -12.70
C GLY A 252 -35.02 8.89 -12.22
N SER A 253 -35.27 7.83 -12.98
CA SER A 253 -36.31 6.87 -12.65
C SER A 253 -35.78 5.44 -12.70
N CYS A 254 -35.14 5.09 -13.81
CA CYS A 254 -34.65 3.73 -14.02
C CYS A 254 -33.14 3.68 -14.17
N ASN A 255 -32.52 2.70 -13.53
CA ASN A 255 -31.09 2.47 -13.70
C ASN A 255 -30.80 1.90 -15.07
N LEU A 256 -29.68 2.28 -15.65
CA LEU A 256 -29.38 1.91 -17.02
C LEU A 256 -28.35 0.79 -17.11
N ALA A 257 -28.48 -0.05 -18.13
CA ALA A 257 -27.54 -1.15 -18.34
C ALA A 257 -26.68 -0.89 -19.56
N SER A 258 -26.91 0.24 -20.22
CA SER A 258 -26.18 0.58 -21.42
C SER A 258 -24.87 1.30 -21.12
N VAL A 259 -23.90 1.15 -22.01
CA VAL A 259 -22.61 1.81 -21.90
C VAL A 259 -22.25 2.45 -23.23
N GLU A 260 -21.79 3.71 -23.19
CA GLU A 260 -21.38 4.39 -24.41
C GLU A 260 -20.05 5.12 -24.23
N TYR A 261 -19.26 5.16 -25.29
CA TYR A 261 -17.96 5.81 -25.23
C TYR A 261 -17.87 6.99 -26.19
N TYR A 262 -17.03 7.95 -25.86
CA TYR A 262 -16.87 9.16 -26.66
C TYR A 262 -15.57 9.16 -27.45
N ASN A 263 -15.67 9.52 -28.72
CA ASN A 263 -14.50 9.66 -29.57
C ASN A 263 -14.26 11.14 -29.89
N PRO A 264 -13.30 11.75 -29.21
CA PRO A 264 -13.03 13.19 -29.34
C PRO A 264 -12.58 13.57 -30.73
N VAL A 265 -11.99 12.62 -31.45
CA VAL A 265 -11.53 12.86 -32.82
C VAL A 265 -12.72 13.13 -33.73
N THR A 266 -13.73 12.27 -33.67
CA THR A 266 -14.90 12.40 -34.53
C THR A 266 -16.04 13.12 -33.84
N ASP A 267 -15.96 13.35 -32.54
CA ASP A 267 -17.05 13.95 -31.77
C ASP A 267 -18.32 13.14 -31.80
N LYS A 268 -18.17 11.89 -31.42
CA LYS A 268 -19.23 10.93 -31.42
C LYS A 268 -19.36 10.04 -30.19
N TRP A 269 -20.59 9.68 -29.81
CA TRP A 269 -20.84 8.79 -28.68
C TRP A 269 -21.37 7.51 -29.27
N THR A 270 -20.76 6.41 -28.91
CA THR A 270 -21.10 5.12 -29.47
C THR A 270 -21.44 4.08 -28.39
N LEU A 271 -22.62 3.48 -28.53
CA LEU A 271 -23.08 2.47 -27.60
C LEU A 271 -22.30 1.17 -27.72
N LEU A 272 -22.06 0.51 -26.59
CA LEU A 272 -21.46 -0.82 -26.61
C LEU A 272 -22.45 -1.81 -27.19
N PRO A 273 -21.95 -2.78 -27.98
CA PRO A 273 -22.81 -3.78 -28.61
C PRO A 273 -23.46 -4.74 -27.62
N THR A 274 -23.05 -4.66 -26.36
CA THR A 274 -23.59 -5.55 -25.33
C THR A 274 -23.76 -4.83 -23.99
N ASN A 275 -25.01 -4.67 -23.56
CA ASN A 275 -25.31 -4.03 -22.29
C ASN A 275 -24.90 -4.89 -21.10
N MET A 276 -24.93 -4.29 -19.91
CA MET A 276 -24.65 -5.02 -18.68
C MET A 276 -25.77 -5.99 -18.37
N SER A 277 -25.48 -7.00 -17.57
CA SER A 277 -26.49 -7.96 -17.15
C SER A 277 -27.59 -7.25 -16.37
N THR A 278 -27.19 -6.53 -15.32
CA THR A 278 -28.14 -5.77 -14.51
C THR A 278 -27.83 -4.28 -14.60
N GLY A 279 -28.86 -3.47 -14.79
CA GLY A 279 -28.70 -2.03 -14.85
C GLY A 279 -28.25 -1.47 -13.53
N ARG A 280 -27.25 -0.60 -13.55
CA ARG A 280 -26.67 -0.08 -12.31
C ARG A 280 -26.60 1.43 -12.28
N SER A 281 -26.65 1.99 -11.08
CA SER A 281 -26.44 3.41 -10.87
C SER A 281 -25.52 3.57 -9.67
N TYR A 282 -24.79 4.68 -9.63
CA TYR A 282 -23.80 4.92 -8.57
C TYR A 282 -22.78 3.78 -8.49
N ALA A 283 -22.45 3.22 -9.63
CA ALA A 283 -21.44 2.17 -9.71
C ALA A 283 -20.13 2.74 -10.24
N GLY A 284 -19.02 2.37 -9.64
CA GLY A 284 -17.72 2.84 -10.08
C GLY A 284 -17.13 1.94 -11.14
N VAL A 285 -16.24 2.49 -11.97
CA VAL A 285 -15.59 1.72 -13.01
C VAL A 285 -14.10 1.99 -13.06
N ALA A 286 -13.35 1.02 -13.59
CA ALA A 286 -11.91 1.14 -13.76
C ALA A 286 -11.43 0.20 -14.85
N VAL A 287 -10.21 0.40 -15.33
CA VAL A 287 -9.67 -0.43 -16.40
C VAL A 287 -8.31 -1.00 -16.04
N ILE A 288 -8.18 -2.32 -16.13
CA ILE A 288 -6.92 -3.01 -15.86
C ILE A 288 -6.57 -4.00 -16.97
N HIS A 289 -5.54 -4.79 -16.79
CA HIS A 289 -5.12 -5.77 -17.75
C HIS A 289 -5.63 -7.11 -17.32
N LYS A 290 -5.98 -7.99 -18.23
CA LYS A 290 -6.53 -9.31 -17.88
C LYS A 290 -5.64 -10.44 -17.29
N MET B 2 23.58 -28.29 -1.77
CA MET B 2 24.92 -28.84 -1.90
C MET B 2 25.24 -29.83 -0.78
N SER B 3 26.32 -30.57 -0.94
CA SER B 3 26.74 -31.53 0.06
C SER B 3 27.97 -31.01 0.74
N LEU B 4 28.13 -29.69 0.71
CA LEU B 4 29.25 -29.03 1.33
C LEU B 4 28.78 -28.47 2.65
N PRO B 5 29.76 -28.20 3.59
CA PRO B 5 29.24 -27.71 4.89
C PRO B 5 28.66 -26.31 4.86
N LYS B 6 27.84 -26.02 5.85
CA LYS B 6 27.18 -24.72 5.91
C LYS B 6 28.03 -23.68 6.63
N VAL B 7 28.10 -22.49 6.05
CA VAL B 7 28.82 -21.38 6.66
C VAL B 7 27.90 -20.19 6.88
N MET B 8 28.34 -19.24 7.70
CA MET B 8 27.54 -18.06 8.00
C MET B 8 28.22 -16.80 7.49
N ILE B 9 27.52 -16.03 6.66
CA ILE B 9 28.08 -14.80 6.14
C ILE B 9 27.36 -13.58 6.70
N VAL B 10 28.10 -12.47 6.81
CA VAL B 10 27.53 -11.24 7.31
C VAL B 10 27.70 -10.13 6.28
N VAL B 11 26.59 -9.53 5.89
CA VAL B 11 26.59 -8.57 4.79
C VAL B 11 26.46 -7.13 5.27
N GLY B 12 27.44 -6.31 4.90
CA GLY B 12 27.41 -4.89 5.19
C GLY B 12 27.27 -4.56 6.67
N GLY B 13 26.64 -3.43 6.95
CA GLY B 13 26.41 -3.00 8.32
C GLY B 13 26.99 -1.63 8.60
N GLN B 14 26.93 -1.23 9.88
CA GLN B 14 27.47 0.05 10.30
C GLN B 14 28.69 -0.16 11.20
N ALA B 15 29.78 0.54 10.90
CA ALA B 15 30.97 0.44 11.75
C ALA B 15 31.88 1.66 11.68
N PRO B 16 31.41 2.82 12.19
CA PRO B 16 30.06 3.09 12.68
C PRO B 16 29.14 3.54 11.54
N LYS B 17 29.73 3.82 10.37
CA LYS B 17 28.97 4.20 9.20
C LYS B 17 28.84 3.00 8.26
N ALA B 18 28.12 3.19 7.16
CA ALA B 18 27.91 2.12 6.19
C ALA B 18 29.22 1.63 5.59
N ILE B 19 29.36 0.32 5.47
CA ILE B 19 30.56 -0.27 4.89
C ILE B 19 30.22 -1.26 3.79
N ARG B 20 31.25 -1.84 3.18
CA ARG B 20 31.08 -2.78 2.08
C ARG B 20 31.56 -4.16 2.48
N SER B 21 32.18 -4.25 3.65
CA SER B 21 32.79 -5.47 4.12
C SER B 21 31.80 -6.61 4.29
N VAL B 22 32.17 -7.78 3.79
CA VAL B 22 31.37 -8.99 3.97
C VAL B 22 32.25 -10.11 4.50
N GLU B 23 31.94 -10.57 5.71
CA GLU B 23 32.74 -11.61 6.35
C GLU B 23 32.03 -12.96 6.32
N CYS B 24 32.82 -14.04 6.44
CA CYS B 24 32.27 -15.39 6.39
C CYS B 24 32.85 -16.25 7.51
N TYR B 25 31.97 -16.85 8.31
CA TYR B 25 32.40 -17.66 9.44
C TYR B 25 32.31 -19.16 9.17
N ASP B 26 33.40 -19.87 9.48
CA ASP B 26 33.45 -21.32 9.31
C ASP B 26 33.29 -22.00 10.67
N PHE B 27 32.28 -22.84 10.80
CA PHE B 27 32.03 -23.54 12.06
C PHE B 27 33.06 -24.62 12.32
N GLU B 28 33.51 -25.27 11.28
CA GLU B 28 34.48 -26.28 11.38
C GLU B 28 35.82 -25.73 11.80
N GLU B 29 36.19 -24.60 11.25
CA GLU B 29 37.46 -24.01 11.59
C GLU B 29 37.47 -22.86 12.54
N ASP B 30 36.31 -22.39 12.96
CA ASP B 30 36.27 -21.28 13.86
C ASP B 30 37.09 -20.13 13.37
N ARG B 31 36.70 -19.51 12.31
CA ARG B 31 37.44 -18.38 11.74
C ARG B 31 36.57 -17.51 10.86
N TRP B 32 36.94 -16.24 10.75
CA TRP B 32 36.25 -15.30 9.88
C TRP B 32 37.13 -14.90 8.72
N ASP B 33 36.54 -14.71 7.54
CA ASP B 33 37.30 -14.34 6.37
C ASP B 33 36.55 -13.32 5.51
N GLN B 34 37.29 -12.42 4.89
CA GLN B 34 36.69 -11.41 4.03
C GLN B 34 36.47 -11.96 2.63
N ILE B 35 35.21 -12.24 2.31
CA ILE B 35 34.85 -12.66 0.96
C ILE B 35 34.53 -11.41 0.14
N ALA B 36 34.06 -11.60 -1.09
CA ALA B 36 33.82 -10.49 -2.00
C ALA B 36 32.95 -9.41 -1.38
N GLU B 37 33.39 -8.17 -1.50
CA GLU B 37 32.68 -7.06 -0.87
C GLU B 37 31.52 -6.57 -1.72
N LEU B 38 30.63 -5.81 -1.10
CA LEU B 38 29.48 -5.24 -1.79
C LEU B 38 29.92 -4.24 -2.86
N PRO B 39 29.12 -4.11 -3.94
CA PRO B 39 29.41 -3.12 -4.98
C PRO B 39 29.26 -1.70 -4.48
N SER B 40 28.62 -1.54 -3.32
CA SER B 40 28.40 -0.23 -2.74
C SER B 40 28.14 -0.38 -1.25
N ARG B 41 28.41 0.68 -0.50
CA ARG B 41 28.16 0.69 0.95
C ARG B 41 26.69 0.46 1.24
N ARG B 42 26.39 -0.49 2.10
CA ARG B 42 25.00 -0.82 2.41
C ARG B 42 24.81 -1.29 3.84
N CYS B 43 23.90 -0.64 4.56
CA CYS B 43 23.53 -1.05 5.89
C CYS B 43 22.03 -0.91 6.08
N ARG B 44 21.50 -1.42 7.18
CA ARG B 44 20.08 -1.35 7.50
C ARG B 44 19.25 -2.00 6.40
N ALA B 45 19.77 -3.07 5.82
CA ALA B 45 19.10 -3.74 4.71
C ALA B 45 18.50 -5.07 5.14
N GLY B 46 17.63 -5.61 4.30
CA GLY B 46 17.07 -6.93 4.52
C GLY B 46 17.89 -7.97 3.77
N VAL B 47 18.36 -8.98 4.50
CA VAL B 47 19.23 -9.99 3.91
C VAL B 47 18.69 -11.40 4.12
N VAL B 48 18.40 -12.09 3.03
CA VAL B 48 17.89 -13.45 3.10
C VAL B 48 18.63 -14.37 2.13
N PHE B 49 18.38 -15.66 2.26
CA PHE B 49 18.87 -16.64 1.30
C PHE B 49 17.71 -17.17 0.48
N MET B 50 17.90 -17.24 -0.84
CA MET B 50 16.85 -17.74 -1.73
C MET B 50 17.43 -18.16 -3.06
N ALA B 51 17.00 -19.32 -3.54
CA ALA B 51 17.42 -19.85 -4.85
C ALA B 51 18.93 -19.90 -4.98
N GLY B 52 19.60 -20.43 -3.96
CA GLY B 52 21.05 -20.58 -3.99
C GLY B 52 21.79 -19.26 -4.02
N HIS B 53 21.12 -18.18 -3.63
CA HIS B 53 21.71 -16.85 -3.65
C HIS B 53 21.36 -16.06 -2.39
N VAL B 54 22.18 -15.06 -2.09
CA VAL B 54 21.94 -14.19 -0.95
C VAL B 54 21.49 -12.82 -1.42
N TYR B 55 20.33 -12.38 -0.96
CA TYR B 55 19.77 -11.13 -1.41
C TYR B 55 19.99 -10.00 -0.42
N ALA B 56 20.61 -8.92 -0.88
CA ALA B 56 20.76 -7.71 -0.08
C ALA B 56 19.74 -6.70 -0.56
N VAL B 57 18.69 -6.51 0.22
CA VAL B 57 17.56 -5.70 -0.21
C VAL B 57 17.50 -4.34 0.48
N GLY B 58 17.47 -3.28 -0.32
CA GLY B 58 17.33 -1.93 0.18
C GLY B 58 18.48 -1.51 1.10
N GLY B 59 18.15 -0.68 2.09
CA GLY B 59 19.14 -0.29 3.07
C GLY B 59 19.52 1.17 3.04
N PHE B 60 20.79 1.44 3.32
CA PHE B 60 21.30 2.79 3.46
C PHE B 60 22.76 2.82 3.02
N ASN B 61 23.15 3.86 2.28
CA ASN B 61 24.51 3.92 1.75
C ASN B 61 25.36 5.01 2.39
N GLY B 62 25.02 5.39 3.60
CA GLY B 62 25.75 6.44 4.30
C GLY B 62 25.17 7.81 4.05
N SER B 63 24.44 7.96 2.95
CA SER B 63 23.88 9.25 2.58
C SER B 63 22.39 9.18 2.28
N LEU B 64 21.97 8.15 1.54
CA LEU B 64 20.59 8.05 1.10
C LEU B 64 20.00 6.66 1.30
N ARG B 65 18.68 6.59 1.42
CA ARG B 65 17.97 5.32 1.45
C ARG B 65 17.79 4.85 0.02
N VAL B 66 17.94 3.55 -0.21
CA VAL B 66 17.94 3.03 -1.57
C VAL B 66 16.87 1.98 -1.82
N ARG B 67 16.65 1.68 -3.10
CA ARG B 67 15.69 0.67 -3.51
C ARG B 67 16.41 -0.46 -4.25
N THR B 68 17.72 -0.32 -4.39
CA THR B 68 18.51 -1.28 -5.16
C THR B 68 18.66 -2.60 -4.42
N VAL B 69 18.89 -3.66 -5.18
CA VAL B 69 19.11 -4.98 -4.63
C VAL B 69 20.36 -5.60 -5.24
N ASP B 70 21.28 -6.05 -4.39
CA ASP B 70 22.47 -6.75 -4.86
C ASP B 70 22.42 -8.21 -4.41
N VAL B 71 22.84 -9.10 -5.29
CA VAL B 71 22.76 -10.54 -5.02
C VAL B 71 24.13 -11.20 -5.10
N TYR B 72 24.40 -12.11 -4.19
CA TYR B 72 25.71 -12.75 -4.09
C TYR B 72 25.69 -14.20 -4.58
N ASP B 73 26.51 -14.48 -5.58
CA ASP B 73 26.69 -15.84 -6.06
C ASP B 73 27.88 -16.49 -5.35
N GLY B 74 27.57 -17.40 -4.42
CA GLY B 74 28.60 -18.05 -3.62
C GLY B 74 29.60 -18.87 -4.41
N VAL B 75 29.22 -19.25 -5.62
CA VAL B 75 30.09 -20.04 -6.48
C VAL B 75 31.21 -19.17 -7.04
N LYS B 76 30.83 -18.14 -7.79
CA LYS B 76 31.81 -17.26 -8.43
C LYS B 76 32.28 -16.15 -7.51
N ASP B 77 31.71 -16.11 -6.30
CA ASP B 77 32.05 -15.09 -5.30
C ASP B 77 31.88 -13.69 -5.89
N GLN B 78 30.66 -13.40 -6.35
CA GLN B 78 30.38 -12.12 -7.02
C GLN B 78 29.07 -11.52 -6.56
N TRP B 79 29.02 -10.20 -6.53
CA TRP B 79 27.78 -9.48 -6.27
C TRP B 79 27.27 -8.85 -7.55
N THR B 80 26.00 -9.08 -7.86
CA THR B 80 25.40 -8.50 -9.06
C THR B 80 24.07 -7.84 -8.73
N SER B 81 23.83 -6.67 -9.31
CA SER B 81 22.62 -5.91 -9.04
C SER B 81 21.47 -6.38 -9.90
N ILE B 82 20.33 -6.66 -9.25
CA ILE B 82 19.13 -7.07 -9.95
C ILE B 82 18.06 -5.97 -9.94
N ALA B 83 16.83 -6.35 -10.20
CA ALA B 83 15.72 -5.40 -10.25
C ALA B 83 15.51 -4.71 -8.91
N SER B 84 15.54 -3.39 -8.92
CA SER B 84 15.35 -2.60 -7.70
C SER B 84 13.89 -2.61 -7.27
N MET B 85 13.65 -2.28 -6.00
CA MET B 85 12.30 -2.24 -5.48
C MET B 85 11.52 -1.06 -6.03
N GLN B 86 10.26 -0.97 -5.67
CA GLN B 86 9.44 0.16 -6.09
C GLN B 86 9.60 1.33 -5.13
N GLU B 87 9.99 1.01 -3.89
CA GLU B 87 10.24 2.03 -2.89
C GLU B 87 11.62 1.92 -2.28
N ARG B 88 12.11 3.03 -1.75
CA ARG B 88 13.35 3.03 -0.98
C ARG B 88 13.02 2.57 0.43
N ARG B 89 13.76 1.58 0.92
CA ARG B 89 13.48 1.03 2.23
C ARG B 89 14.75 0.84 3.04
N SER B 90 14.77 1.45 4.24
CA SER B 90 15.87 1.26 5.16
C SER B 90 15.30 0.79 6.49
N THR B 91 16.09 -0.01 7.22
CA THR B 91 15.67 -0.61 8.48
C THR B 91 14.41 -1.44 8.28
N LEU B 92 14.30 -2.06 7.11
CA LEU B 92 13.15 -2.91 6.80
C LEU B 92 13.44 -4.35 7.20
N GLY B 93 12.45 -5.22 6.99
CA GLY B 93 12.62 -6.63 7.22
C GLY B 93 12.38 -7.41 5.95
N ALA B 94 13.11 -8.52 5.79
CA ALA B 94 12.95 -9.36 4.61
C ALA B 94 12.90 -10.83 4.99
N ALA B 95 12.07 -11.59 4.30
CA ALA B 95 11.93 -13.01 4.56
C ALA B 95 11.38 -13.73 3.33
N VAL B 96 11.63 -15.03 3.25
CA VAL B 96 11.19 -15.82 2.11
C VAL B 96 9.99 -16.69 2.48
N LEU B 97 8.95 -16.64 1.65
CA LEU B 97 7.76 -17.44 1.87
C LEU B 97 7.15 -17.87 0.55
N ASN B 98 7.14 -19.17 0.31
CA ASN B 98 6.62 -19.75 -0.93
C ASN B 98 7.27 -19.15 -2.17
N ASP B 99 8.59 -19.22 -2.22
CA ASP B 99 9.38 -18.72 -3.36
C ASP B 99 9.15 -17.23 -3.64
N LEU B 100 8.71 -16.49 -2.62
CA LEU B 100 8.57 -15.05 -2.73
C LEU B 100 9.45 -14.35 -1.71
N LEU B 101 10.03 -13.23 -2.12
CA LEU B 101 10.85 -12.43 -1.21
C LEU B 101 10.10 -11.18 -0.78
N TYR B 102 9.63 -11.18 0.46
CA TYR B 102 8.84 -10.08 0.98
C TYR B 102 9.71 -8.99 1.58
N ALA B 103 9.49 -7.76 1.12
CA ALA B 103 10.14 -6.60 1.71
C ALA B 103 9.15 -5.87 2.61
N VAL B 104 9.35 -5.99 3.92
CA VAL B 104 8.36 -5.51 4.88
C VAL B 104 8.73 -4.16 5.49
N GLY B 105 7.85 -3.18 5.28
CA GLY B 105 7.98 -1.88 5.92
C GLY B 105 9.30 -1.16 5.68
N GLY B 106 9.72 -0.38 6.66
CA GLY B 106 11.00 0.29 6.59
C GLY B 106 10.91 1.80 6.74
N PHE B 107 11.85 2.51 6.10
CA PHE B 107 11.92 3.96 6.18
C PHE B 107 12.54 4.48 4.90
N ASP B 108 11.91 5.46 4.26
CA ASP B 108 12.40 5.96 2.98
C ASP B 108 13.12 7.29 3.10
N GLY B 109 13.37 7.73 4.33
CA GLY B 109 14.07 8.97 4.57
C GLY B 109 13.13 10.09 4.96
N SER B 110 11.85 9.92 4.65
CA SER B 110 10.85 10.93 4.98
C SER B 110 9.80 10.37 5.93
N THR B 111 9.28 9.19 5.62
CA THR B 111 8.25 8.56 6.43
C THR B 111 8.53 7.09 6.70
N GLY B 112 7.98 6.59 7.82
CA GLY B 112 8.02 5.17 8.10
C GLY B 112 7.07 4.46 7.16
N LEU B 113 7.37 3.22 6.83
CA LEU B 113 6.61 2.51 5.81
C LEU B 113 5.71 1.42 6.38
N ALA B 114 4.49 1.36 5.85
CA ALA B 114 3.55 0.30 6.19
C ALA B 114 3.38 -0.62 4.99
N SER B 115 3.81 -0.13 3.84
CA SER B 115 3.68 -0.88 2.60
C SER B 115 4.58 -2.10 2.62
N VAL B 116 4.17 -3.13 1.88
CA VAL B 116 4.97 -4.34 1.74
C VAL B 116 4.97 -4.73 0.27
N GLU B 117 6.12 -5.14 -0.24
CA GLU B 117 6.20 -5.60 -1.61
C GLU B 117 7.03 -6.87 -1.72
N ALA B 118 6.66 -7.72 -2.68
CA ALA B 118 7.32 -9.00 -2.84
C ALA B 118 8.08 -9.09 -4.16
N TYR B 119 9.04 -10.02 -4.22
CA TYR B 119 9.81 -10.21 -5.44
C TYR B 119 9.76 -11.65 -5.93
N SER B 120 9.13 -11.84 -7.08
CA SER B 120 9.11 -13.14 -7.72
C SER B 120 10.31 -13.30 -8.63
N TYR B 121 11.23 -14.19 -8.27
CA TYR B 121 12.43 -14.38 -9.06
C TYR B 121 12.12 -15.08 -10.37
N LYS B 122 11.06 -15.88 -10.38
CA LYS B 122 10.68 -16.62 -11.59
C LYS B 122 10.17 -15.69 -12.68
N THR B 123 9.63 -14.54 -12.30
CA THR B 123 9.19 -13.55 -13.27
C THR B 123 10.06 -12.30 -13.20
N ASN B 124 10.96 -12.27 -12.21
CA ASN B 124 11.91 -11.17 -12.05
C ASN B 124 11.23 -9.80 -12.00
N GLU B 125 10.46 -9.56 -10.95
CA GLU B 125 9.79 -8.28 -10.78
C GLU B 125 9.27 -8.10 -9.36
N TRP B 126 9.03 -6.85 -8.99
CA TRP B 126 8.47 -6.51 -7.68
C TRP B 126 7.01 -6.11 -7.81
N PHE B 127 6.23 -6.32 -6.76
CA PHE B 127 4.83 -5.94 -6.75
C PHE B 127 4.32 -5.78 -5.32
N PHE B 128 3.40 -4.85 -5.13
CA PHE B 128 2.84 -4.59 -3.81
C PHE B 128 1.85 -5.65 -3.37
N VAL B 129 1.91 -6.02 -2.11
CA VAL B 129 0.91 -6.88 -1.50
C VAL B 129 0.11 -6.05 -0.52
N ALA B 130 -0.60 -6.70 0.40
CA ALA B 130 -1.35 -5.97 1.42
C ALA B 130 -0.43 -5.22 2.35
N PRO B 131 -0.72 -3.95 2.61
CA PRO B 131 0.04 -3.13 3.55
C PRO B 131 -0.28 -3.50 5.00
N MET B 132 0.67 -3.27 5.90
CA MET B 132 0.44 -3.55 7.31
C MET B 132 -0.55 -2.56 7.88
N ASN B 133 -1.01 -2.82 9.11
CA ASN B 133 -1.93 -1.93 9.78
C ASN B 133 -1.19 -0.78 10.43
N THR B 134 0.00 -1.05 10.93
CA THR B 134 0.86 -0.03 11.51
C THR B 134 2.15 0.09 10.70
N ARG B 135 2.59 1.31 10.43
CA ARG B 135 3.88 1.52 9.78
C ARG B 135 4.98 1.06 10.73
N ARG B 136 6.01 0.42 10.18
CA ARG B 136 7.07 -0.15 11.01
C ARG B 136 8.45 0.05 10.42
N SER B 137 9.21 0.98 11.01
CA SER B 137 10.63 1.10 10.71
C SER B 137 11.40 0.37 11.81
N SER B 138 12.66 0.04 11.53
CA SER B 138 13.47 -0.76 12.44
C SER B 138 12.72 -2.03 12.83
N VAL B 139 12.18 -2.71 11.83
CA VAL B 139 11.29 -3.85 12.06
C VAL B 139 11.95 -5.17 11.69
N GLY B 140 11.64 -6.21 12.44
CA GLY B 140 12.12 -7.55 12.13
C GLY B 140 10.99 -8.47 11.73
N VAL B 141 11.29 -9.45 10.88
CA VAL B 141 10.27 -10.39 10.40
C VAL B 141 10.71 -11.84 10.50
N GLY B 142 9.73 -12.74 10.55
CA GLY B 142 9.99 -14.17 10.60
C GLY B 142 8.87 -14.94 9.94
N VAL B 143 9.18 -16.13 9.45
CA VAL B 143 8.19 -16.96 8.78
C VAL B 143 7.97 -18.28 9.51
N VAL B 144 6.76 -18.49 10.00
CA VAL B 144 6.42 -19.73 10.70
C VAL B 144 5.18 -20.38 10.11
N GLU B 145 5.36 -21.58 9.56
CA GLU B 145 4.25 -22.39 9.05
C GLU B 145 3.37 -21.63 8.05
N GLY B 146 3.97 -21.21 6.95
CA GLY B 146 3.23 -20.55 5.88
C GLY B 146 2.74 -19.16 6.20
N LYS B 147 3.12 -18.65 7.36
CA LYS B 147 2.70 -17.33 7.80
C LYS B 147 3.88 -16.39 7.98
N LEU B 148 3.67 -15.11 7.65
CA LEU B 148 4.71 -14.11 7.77
C LEU B 148 4.39 -13.13 8.90
N TYR B 149 5.31 -13.00 9.85
CA TYR B 149 5.09 -12.16 11.02
C TYR B 149 5.97 -10.91 11.01
N ALA B 150 5.36 -9.75 11.24
CA ALA B 150 6.11 -8.51 11.40
C ALA B 150 6.18 -8.16 12.89
N VAL B 151 7.38 -8.10 13.43
CA VAL B 151 7.56 -7.95 14.89
C VAL B 151 8.12 -6.60 15.28
N GLY B 152 7.42 -5.93 16.20
CA GLY B 152 7.88 -4.68 16.78
C GLY B 152 8.18 -3.59 15.77
N GLY B 153 9.10 -2.71 16.12
CA GLY B 153 9.50 -1.62 15.25
C GLY B 153 9.18 -0.27 15.84
N TYR B 154 9.24 0.76 15.01
CA TYR B 154 8.90 2.10 15.45
C TYR B 154 7.75 2.66 14.62
N ASP B 155 6.74 3.18 15.29
CA ASP B 155 5.59 3.77 14.59
C ASP B 155 5.69 5.28 14.58
N GLY B 156 5.99 5.85 13.42
CA GLY B 156 6.14 7.28 13.29
C GLY B 156 4.86 8.05 13.49
N ALA B 157 3.72 7.36 13.42
CA ALA B 157 2.43 8.01 13.60
C ALA B 157 2.19 8.36 15.06
N SER B 158 2.38 7.39 15.95
CA SER B 158 2.19 7.61 17.37
C SER B 158 3.52 7.96 18.04
N ARG B 159 4.58 7.98 17.25
CA ARG B 159 5.93 8.32 17.71
C ARG B 159 6.39 7.43 18.84
N GLN B 160 6.06 6.15 18.77
CA GLN B 160 6.44 5.21 19.83
C GLN B 160 6.91 3.86 19.27
N CYS B 161 7.87 3.25 19.95
CA CYS B 161 8.30 1.90 19.62
C CYS B 161 7.16 0.93 19.89
N LEU B 162 7.18 -0.21 19.23
CA LEU B 162 6.00 -1.08 19.21
C LEU B 162 6.17 -2.39 19.98
N SER B 163 5.08 -2.83 20.58
CA SER B 163 5.02 -4.14 21.20
C SER B 163 4.03 -5.00 20.42
N THR B 164 3.42 -4.41 19.40
CA THR B 164 2.43 -5.10 18.59
C THR B 164 3.08 -5.96 17.51
N VAL B 165 2.42 -7.07 17.19
CA VAL B 165 2.91 -8.00 16.18
C VAL B 165 1.81 -8.29 15.16
N GLU B 166 2.17 -8.34 13.88
CA GLU B 166 1.19 -8.58 12.82
C GLU B 166 1.54 -9.79 11.98
N GLN B 167 0.54 -10.64 11.74
CA GLN B 167 0.72 -11.83 10.91
C GLN B 167 0.14 -11.61 9.52
N TYR B 168 0.84 -12.11 8.51
CA TYR B 168 0.37 -12.00 7.14
C TYR B 168 0.10 -13.37 6.54
N ASN B 169 -1.09 -13.55 6.00
CA ASN B 169 -1.47 -14.79 5.33
C ASN B 169 -1.51 -14.59 3.83
N PRO B 170 -0.53 -15.17 3.11
CA PRO B 170 -0.42 -15.00 1.66
C PRO B 170 -1.62 -15.60 0.93
N ALA B 171 -2.32 -16.51 1.59
CA ALA B 171 -3.51 -17.11 1.02
C ALA B 171 -4.64 -16.09 0.90
N THR B 172 -4.78 -15.25 1.92
CA THR B 172 -5.86 -14.28 1.97
C THR B 172 -5.37 -12.87 1.63
N ASN B 173 -4.05 -12.71 1.60
CA ASN B 173 -3.43 -11.40 1.41
C ASN B 173 -3.95 -10.40 2.43
N GLU B 174 -3.86 -10.73 3.68
CA GLU B 174 -4.31 -9.88 4.72
C GLU B 174 -3.43 -9.84 5.91
N TRP B 175 -3.34 -8.70 6.53
CA TRP B 175 -2.57 -8.53 7.76
C TRP B 175 -3.50 -8.48 8.97
N ILE B 176 -3.19 -9.24 10.00
CA ILE B 176 -3.94 -9.15 11.25
C ILE B 176 -3.01 -9.05 12.46
N TYR B 177 -3.49 -8.45 13.52
CA TYR B 177 -2.74 -8.40 14.77
C TYR B 177 -2.80 -9.74 15.48
N VAL B 178 -1.69 -10.14 16.09
CA VAL B 178 -1.67 -11.30 16.96
C VAL B 178 -1.35 -10.84 18.38
N ALA B 179 -0.97 -11.77 19.25
CA ALA B 179 -0.69 -11.44 20.64
C ALA B 179 0.49 -10.48 20.75
N ASP B 180 0.26 -9.36 21.42
CA ASP B 180 1.30 -8.36 21.63
C ASP B 180 2.40 -8.90 22.54
N MET B 181 3.60 -8.37 22.38
CA MET B 181 4.74 -8.77 23.21
C MET B 181 4.63 -8.18 24.61
N SER B 182 5.54 -8.59 25.48
CA SER B 182 5.52 -8.16 26.88
C SER B 182 5.82 -6.66 27.02
N THR B 183 6.62 -6.14 26.09
CA THR B 183 6.96 -4.72 26.11
C THR B 183 7.50 -4.27 24.75
N ARG B 184 7.60 -2.95 24.57
CA ARG B 184 7.97 -2.38 23.28
C ARG B 184 9.38 -2.78 22.86
N ARG B 185 9.50 -3.30 21.64
CA ARG B 185 10.80 -3.66 21.09
C ARG B 185 10.98 -3.11 19.68
N SER B 186 11.90 -2.18 19.52
CA SER B 186 12.29 -1.72 18.20
C SER B 186 13.67 -2.28 17.85
N GLY B 187 13.88 -2.57 16.56
CA GLY B 187 15.15 -3.11 16.12
C GLY B 187 15.46 -4.45 16.77
N ALA B 188 14.44 -5.27 16.93
CA ALA B 188 14.61 -6.59 17.55
C ALA B 188 15.21 -7.57 16.56
N GLY B 189 15.91 -8.56 17.09
CA GLY B 189 16.47 -9.61 16.25
C GLY B 189 15.51 -10.77 16.16
N VAL B 190 14.87 -10.91 15.00
CA VAL B 190 13.80 -11.89 14.82
C VAL B 190 14.27 -13.09 14.01
N GLY B 191 13.97 -14.28 14.53
CA GLY B 191 14.34 -15.52 13.86
C GLY B 191 13.39 -16.64 14.23
N VAL B 192 13.49 -17.75 13.51
CA VAL B 192 12.62 -18.89 13.72
C VAL B 192 13.42 -20.16 14.01
N LEU B 193 13.05 -20.85 15.09
CA LEU B 193 13.71 -22.10 15.44
C LEU B 193 12.68 -23.11 15.90
N SER B 194 12.53 -24.18 15.11
CA SER B 194 11.56 -25.24 15.39
C SER B 194 10.13 -24.72 15.50
N GLY B 195 9.68 -24.02 14.47
CA GLY B 195 8.32 -23.52 14.41
C GLY B 195 7.99 -22.55 15.52
N GLN B 196 9.01 -21.93 16.08
CA GLN B 196 8.85 -20.95 17.14
C GLN B 196 9.39 -19.59 16.69
N LEU B 197 8.66 -18.53 16.99
CA LEU B 197 9.06 -17.19 16.58
C LEU B 197 9.78 -16.47 17.72
N TYR B 198 11.08 -16.26 17.56
CA TYR B 198 11.89 -15.63 18.59
C TYR B 198 12.03 -14.13 18.40
N ALA B 199 11.91 -13.38 19.48
CA ALA B 199 12.13 -11.94 19.46
C ALA B 199 13.25 -11.57 20.43
N THR B 200 14.45 -11.41 19.90
CA THR B 200 15.63 -11.14 20.72
C THR B 200 15.93 -9.65 20.85
N GLY B 201 16.25 -9.22 22.05
CA GLY B 201 16.70 -7.86 22.30
C GLY B 201 15.74 -6.79 21.85
N GLY B 202 16.25 -5.82 21.10
CA GLY B 202 15.45 -4.69 20.68
C GLY B 202 15.69 -3.50 21.58
N HIS B 203 14.96 -2.42 21.34
CA HIS B 203 15.11 -1.24 22.19
C HIS B 203 13.85 -0.39 22.24
N ASP B 204 13.71 0.38 23.31
CA ASP B 204 12.64 1.36 23.44
C ASP B 204 13.24 2.69 23.81
N GLY B 205 13.65 3.44 22.78
CA GLY B 205 14.39 4.66 23.00
C GLY B 205 15.82 4.35 23.34
N PRO B 206 16.37 4.99 24.38
CA PRO B 206 17.75 4.80 24.81
C PRO B 206 18.00 3.44 25.46
N LEU B 207 16.92 2.76 25.84
CA LEU B 207 17.04 1.48 26.54
C LEU B 207 17.16 0.31 25.56
N VAL B 208 18.31 -0.35 25.59
CA VAL B 208 18.55 -1.53 24.76
C VAL B 208 18.41 -2.79 25.60
N ARG B 209 17.66 -3.77 25.11
CA ARG B 209 17.30 -4.94 25.90
C ARG B 209 18.20 -6.14 25.62
N LYS B 210 18.30 -7.04 26.60
CA LYS B 210 18.99 -8.30 26.43
C LYS B 210 18.04 -9.46 26.66
N SER B 211 16.80 -9.12 27.00
CA SER B 211 15.76 -10.11 27.24
C SER B 211 15.21 -10.66 25.94
N VAL B 212 14.78 -11.92 25.96
CA VAL B 212 14.27 -12.59 24.77
C VAL B 212 12.96 -13.28 25.06
N GLU B 213 11.97 -13.10 24.16
CA GLU B 213 10.72 -13.84 24.28
C GLU B 213 10.37 -14.55 22.98
N VAL B 214 9.75 -15.71 23.11
CA VAL B 214 9.43 -16.55 21.96
C VAL B 214 7.92 -16.69 21.80
N TYR B 215 7.46 -16.78 20.56
CA TYR B 215 6.04 -16.84 20.25
C TYR B 215 5.61 -18.23 19.80
N ASP B 216 4.51 -18.71 20.36
CA ASP B 216 3.93 -19.98 19.95
C ASP B 216 2.70 -19.71 19.10
N PRO B 217 2.79 -19.99 17.79
CA PRO B 217 1.71 -19.74 16.84
C PRO B 217 0.44 -20.49 17.18
N GLY B 218 0.58 -21.74 17.60
CA GLY B 218 -0.55 -22.59 17.91
C GLY B 218 -1.38 -22.09 19.09
N THR B 219 -0.70 -21.57 20.10
CA THR B 219 -1.37 -21.13 21.32
C THR B 219 -1.57 -19.62 21.36
N ASN B 220 -0.99 -18.92 20.40
CA ASN B 220 -1.00 -17.46 20.37
C ASN B 220 -0.49 -16.88 21.69
N THR B 221 0.69 -17.34 22.10
CA THR B 221 1.22 -17.01 23.41
C THR B 221 2.67 -16.56 23.34
N TRP B 222 2.99 -15.51 24.10
CA TRP B 222 4.38 -15.10 24.28
C TRP B 222 4.90 -15.54 25.64
N LYS B 223 6.10 -16.12 25.65
CA LYS B 223 6.76 -16.46 26.90
C LYS B 223 8.22 -16.03 26.81
N GLN B 224 8.77 -15.51 27.89
CA GLN B 224 10.16 -15.09 27.87
C GLN B 224 11.07 -16.26 28.22
N VAL B 225 12.29 -16.22 27.67
CA VAL B 225 13.27 -17.24 27.95
C VAL B 225 14.53 -16.61 28.54
N ALA B 226 15.66 -17.30 28.42
CA ALA B 226 16.91 -16.81 28.99
C ALA B 226 17.39 -15.54 28.30
N ASP B 227 17.78 -14.55 29.10
CA ASP B 227 18.35 -13.32 28.60
C ASP B 227 19.66 -13.60 27.87
N MET B 228 19.97 -12.77 26.88
CA MET B 228 21.24 -12.88 26.18
C MET B 228 22.38 -12.42 27.07
N ASN B 229 23.59 -12.61 26.62
CA ASN B 229 24.70 -12.20 27.40
C ASN B 229 24.84 -10.70 27.27
N MET B 230 24.54 -10.17 26.11
CA MET B 230 24.64 -8.75 25.87
C MET B 230 23.34 -8.13 25.49
N CYS B 231 23.30 -6.82 25.54
CA CYS B 231 22.14 -6.07 25.17
C CYS B 231 22.40 -5.87 23.73
N ARG B 232 21.50 -6.32 22.91
CA ARG B 232 21.68 -6.25 21.47
C ARG B 232 20.46 -5.69 20.75
N ARG B 233 20.67 -4.59 20.04
CA ARG B 233 19.65 -4.04 19.16
C ARG B 233 20.22 -3.99 17.75
N ASN B 234 19.33 -4.05 16.75
CA ASN B 234 19.73 -3.97 15.35
C ASN B 234 20.79 -5.00 14.96
N ALA B 235 20.70 -6.18 15.55
CA ALA B 235 21.63 -7.27 15.24
C ALA B 235 21.07 -8.17 14.14
N GLY B 236 21.91 -9.04 13.60
CA GLY B 236 21.50 -9.96 12.56
C GLY B 236 21.20 -11.33 13.13
N VAL B 237 20.15 -11.96 12.62
CA VAL B 237 19.70 -13.25 13.14
C VAL B 237 19.54 -14.31 12.05
N CYS B 238 20.17 -15.45 12.27
CA CYS B 238 20.02 -16.59 11.38
C CYS B 238 19.98 -17.87 12.19
N ALA B 239 19.34 -18.90 11.66
CA ALA B 239 19.21 -20.17 12.37
C ALA B 239 19.76 -21.32 11.54
N VAL B 240 20.55 -22.18 12.17
CA VAL B 240 21.08 -23.37 11.52
C VAL B 240 21.43 -24.44 12.55
N ASN B 241 21.20 -25.70 12.17
CA ASN B 241 21.51 -26.84 13.02
C ASN B 241 20.82 -26.74 14.39
N GLY B 242 19.61 -26.20 14.41
CA GLY B 242 18.82 -26.12 15.63
C GLY B 242 19.30 -25.07 16.59
N LEU B 243 20.14 -24.16 16.12
CA LEU B 243 20.64 -23.08 16.95
C LEU B 243 20.27 -21.72 16.36
N LEU B 244 20.01 -20.75 17.23
CA LEU B 244 19.62 -19.41 16.80
C LEU B 244 20.74 -18.41 17.06
N TYR B 245 21.43 -18.01 15.99
CA TYR B 245 22.59 -17.13 16.10
C TYR B 245 22.21 -15.66 16.01
N VAL B 246 22.73 -14.86 16.93
CA VAL B 246 22.54 -13.41 16.90
C VAL B 246 23.88 -12.73 16.63
N VAL B 247 23.97 -12.05 15.50
CA VAL B 247 25.24 -11.48 15.06
C VAL B 247 25.29 -9.97 15.18
N GLY B 248 26.30 -9.46 15.87
CA GLY B 248 26.56 -8.04 15.94
C GLY B 248 25.52 -7.23 16.69
N GLY B 249 25.20 -6.05 16.17
CA GLY B 249 24.28 -5.16 16.84
C GLY B 249 25.03 -4.19 17.72
N ASP B 250 24.32 -3.43 18.54
CA ASP B 250 24.95 -2.51 19.47
C ASP B 250 24.22 -2.46 20.79
N ASP B 251 24.94 -2.11 21.86
CA ASP B 251 24.40 -2.13 23.21
C ASP B 251 23.92 -0.76 23.65
N GLY B 252 23.60 0.10 22.68
CA GLY B 252 23.19 1.45 22.96
C GLY B 252 24.38 2.38 23.08
N SER B 253 25.57 1.80 23.02
CA SER B 253 26.81 2.57 23.10
C SER B 253 27.80 2.19 22.00
N CYS B 254 28.05 0.90 21.87
CA CYS B 254 29.07 0.42 20.95
C CYS B 254 28.58 -0.71 20.04
N ASN B 255 28.97 -0.67 18.77
CA ASN B 255 28.69 -1.76 17.86
C ASN B 255 29.49 -3.01 18.25
N LEU B 256 28.82 -4.15 18.26
CA LEU B 256 29.44 -5.37 18.78
C LEU B 256 30.09 -6.21 17.69
N ALA B 257 31.16 -6.89 18.06
CA ALA B 257 31.85 -7.80 17.15
C ALA B 257 31.53 -9.25 17.53
N SER B 258 30.88 -9.40 18.68
CA SER B 258 30.59 -10.71 19.22
C SER B 258 29.35 -11.34 18.60
N VAL B 259 29.29 -12.66 18.65
CA VAL B 259 28.14 -13.42 18.18
C VAL B 259 27.76 -14.44 19.24
N GLU B 260 26.46 -14.61 19.49
CA GLU B 260 26.01 -15.62 20.45
C GLU B 260 24.80 -16.38 19.93
N TYR B 261 24.76 -17.68 20.22
CA TYR B 261 23.67 -18.55 19.75
C TYR B 261 22.84 -19.06 20.92
N TYR B 262 21.60 -19.44 20.61
CA TYR B 262 20.66 -19.92 21.62
C TYR B 262 20.30 -21.38 21.44
N ASN B 263 20.35 -22.13 22.54
CA ASN B 263 19.89 -23.51 22.53
C ASN B 263 18.53 -23.62 23.20
N PRO B 264 17.49 -23.91 22.41
CA PRO B 264 16.12 -24.00 22.92
C PRO B 264 15.93 -25.16 23.89
N VAL B 265 16.78 -26.17 23.78
CA VAL B 265 16.74 -27.30 24.68
C VAL B 265 17.17 -26.90 26.09
N THR B 266 18.39 -26.39 26.19
CA THR B 266 18.99 -26.08 27.49
C THR B 266 18.66 -24.68 27.98
N ASP B 267 18.02 -23.88 27.12
CA ASP B 267 17.65 -22.50 27.42
C ASP B 267 18.87 -21.72 27.92
N LYS B 268 19.87 -21.59 27.07
CA LYS B 268 21.11 -20.91 27.44
C LYS B 268 21.79 -20.28 26.23
N TRP B 269 22.26 -19.06 26.39
CA TRP B 269 22.98 -18.35 25.33
C TRP B 269 24.48 -18.57 25.48
N THR B 270 25.17 -18.74 24.36
CA THR B 270 26.59 -19.04 24.38
C THR B 270 27.36 -18.19 23.38
N LEU B 271 28.34 -17.43 23.87
CA LEU B 271 29.17 -16.60 23.03
C LEU B 271 30.00 -17.43 22.06
N LEU B 272 30.06 -16.98 20.81
CA LEU B 272 30.90 -17.64 19.81
C LEU B 272 32.36 -17.40 20.16
N PRO B 273 33.20 -18.45 20.01
CA PRO B 273 34.62 -18.40 20.39
C PRO B 273 35.41 -17.24 19.78
N THR B 274 35.09 -16.87 18.54
CA THR B 274 35.85 -15.83 17.85
C THR B 274 34.98 -14.70 17.34
N ASN B 275 35.31 -13.47 17.73
CA ASN B 275 34.58 -12.29 17.27
C ASN B 275 34.83 -12.02 15.79
N MET B 276 33.99 -11.17 15.22
CA MET B 276 34.16 -10.75 13.84
C MET B 276 35.41 -9.88 13.71
N SER B 277 35.91 -9.74 12.48
CA SER B 277 37.08 -8.91 12.24
C SER B 277 36.80 -7.47 12.65
N THR B 278 35.62 -6.99 12.29
CA THR B 278 35.20 -5.65 12.67
C THR B 278 33.78 -5.66 13.24
N GLY B 279 33.62 -5.07 14.42
CA GLY B 279 32.32 -4.96 15.05
C GLY B 279 31.38 -4.13 14.19
N ARG B 280 30.14 -4.56 14.07
CA ARG B 280 29.19 -3.88 13.20
C ARG B 280 27.74 -4.00 13.67
N SER B 281 26.94 -3.01 13.28
CA SER B 281 25.52 -2.97 13.60
C SER B 281 24.69 -2.85 12.33
N TYR B 282 23.42 -3.20 12.41
CA TYR B 282 22.53 -3.17 11.26
C TYR B 282 23.07 -3.97 10.08
N ALA B 283 23.64 -5.13 10.39
CA ALA B 283 24.19 -6.00 9.36
C ALA B 283 23.30 -7.21 9.14
N GLY B 284 23.20 -7.64 7.89
CA GLY B 284 22.40 -8.80 7.56
C GLY B 284 23.21 -10.08 7.59
N VAL B 285 22.57 -11.19 7.92
CA VAL B 285 23.24 -12.48 7.93
C VAL B 285 22.43 -13.54 7.18
N ALA B 286 23.13 -14.55 6.69
CA ALA B 286 22.49 -15.66 5.99
C ALA B 286 23.37 -16.89 6.04
N VAL B 287 22.76 -18.06 5.91
CA VAL B 287 23.51 -19.31 5.94
C VAL B 287 23.53 -19.97 4.56
N ILE B 288 24.73 -20.24 4.04
CA ILE B 288 24.87 -20.89 2.75
C ILE B 288 25.89 -22.02 2.81
N HIS B 289 25.93 -22.81 1.74
CA HIS B 289 26.88 -23.92 1.66
C HIS B 289 28.20 -23.45 1.06
N LYS B 290 29.28 -24.14 1.40
CA LYS B 290 30.61 -23.79 0.89
C LYS B 290 30.73 -24.05 -0.60
N GLU C 1 -29.95 6.95 8.98
CA GLU C 1 -30.50 8.13 8.32
C GLU C 1 -31.32 7.73 7.11
N CYS C 2 -31.78 8.73 6.35
CA CYS C 2 -32.57 8.47 5.16
C CYS C 2 -31.78 7.69 4.12
N GLU C 3 -32.43 6.75 3.47
CA GLU C 3 -31.82 5.91 2.49
C GLU C 3 -31.39 6.67 1.30
N GLU C 4 -32.15 7.67 0.95
CA GLU C 4 -31.87 8.48 -0.19
C GLU C 4 -30.64 9.34 -0.09
N THR C 5 -30.15 9.75 -1.24
CA THR C 5 -28.99 10.60 -1.29
C THR C 5 -29.44 11.97 -0.94
N GLU C 6 -28.50 12.79 -0.58
CA GLU C 6 -28.79 14.12 -0.11
C GLU C 6 -29.55 14.98 -1.04
N VAL C 7 -29.25 14.86 -2.30
CA VAL C 7 -29.88 15.65 -3.35
C VAL C 7 -31.32 15.17 -3.61
N ASP C 8 -31.58 13.91 -3.32
CA ASP C 8 -32.90 13.34 -3.54
C ASP C 8 -33.79 13.49 -2.30
N GLN C 9 -33.20 13.88 -1.21
CA GLN C 9 -33.95 14.10 -0.04
C GLN C 9 -34.63 15.41 -0.17
N HIS C 10 -34.02 16.31 -0.91
CA HIS C 10 -34.54 17.64 -1.16
C HIS C 10 -35.87 17.53 -1.85
N GLU D 1 19.33 14.65 3.76
CA GLU D 1 18.45 14.26 4.85
C GLU D 1 19.26 13.66 6.01
N CYS D 2 18.63 13.57 7.18
CA CYS D 2 19.30 13.07 8.36
C CYS D 2 19.68 11.59 8.22
N GLU D 3 20.92 11.27 8.50
CA GLU D 3 21.37 9.93 8.35
C GLU D 3 21.04 9.02 9.46
N GLU D 4 20.37 9.53 10.45
CA GLU D 4 20.00 8.74 11.55
C GLU D 4 18.71 8.08 11.25
N THR D 5 18.52 6.94 11.89
CA THR D 5 17.36 6.13 11.72
C THR D 5 16.21 6.84 12.34
N GLU D 6 15.03 6.60 11.81
CA GLU D 6 13.83 7.27 12.22
C GLU D 6 13.52 7.20 13.69
N VAL D 7 13.73 6.05 14.28
CA VAL D 7 13.49 5.85 15.70
C VAL D 7 14.46 6.67 16.54
N ASP D 8 15.68 6.86 16.04
CA ASP D 8 16.70 7.61 16.77
C ASP D 8 16.57 9.11 16.56
N GLN D 9 15.94 9.49 15.48
CA GLN D 9 15.77 10.88 15.17
C GLN D 9 14.83 11.57 16.06
N HIS D 10 13.66 11.04 16.24
CA HIS D 10 12.68 11.66 17.06
C HIS D 10 12.58 10.78 18.21
N VAL D 11 12.47 11.34 19.38
CA VAL D 11 12.36 10.55 20.57
C VAL D 11 11.01 9.88 20.64
C1 CIT E . -27.90 21.91 -20.72
O1 CIT E . -28.42 20.83 -20.49
O2 CIT E . -26.85 22.03 -21.31
C2 CIT E . -28.55 23.16 -20.25
C3 CIT E . -27.97 24.45 -20.78
O7 CIT E . -26.62 24.25 -21.16
C4 CIT E . -28.80 24.90 -21.96
C5 CIT E . -28.79 26.33 -22.39
O3 CIT E . -28.61 27.26 -21.65
O4 CIT E . -28.99 26.55 -23.56
C6 CIT E . -28.00 25.50 -19.72
O5 CIT E . -28.98 25.54 -18.94
O6 CIT E . -27.02 26.26 -19.78
H21 CIT E . -29.61 23.13 -20.50
H22 CIT E . -28.47 23.18 -19.16
HO7 CIT E . -26.12 23.98 -20.39
H41 CIT E . -29.82 24.61 -21.75
H42 CIT E . -28.46 24.31 -22.80
CL CL F . -25.57 9.10 0.02
CL CL G . -33.16 5.98 -9.58
CL CL H . 17.26 4.43 7.82
#